data_8VX0
#
_entry.id   8VX0
#
_cell.length_a   75.209
_cell.length_b   141.659
_cell.length_c   161.879
_cell.angle_alpha   90.00
_cell.angle_beta   90.00
_cell.angle_gamma   90.00
#
_symmetry.space_group_name_H-M   'I 2 2 2'
#
loop_
_entity.id
_entity.type
_entity.pdbx_description
1 polymer 'Cytochrome P450 2C9'
2 non-polymer [2-butyl-5-chloranyl-3-[[4-[2-(2H-1,2,3,4-tetrazol-5-yl)phenyl]phenyl]methyl]imidazol-4-yl]methanol
3 non-polymer 'POTASSIUM ION'
4 non-polymer 'PROTOPORPHYRIN IX CONTAINING FE'
5 non-polymer 'PHOSPHATE ION'
6 water water
#
_entity_poly.entity_id   1
_entity_poly.type   'polypeptide(L)'
_entity_poly.pdbx_seq_one_letter_code
;MAKKTSGRGKLPPGPTPLPVIGNILQIGIKDISKSLTNLSKVYGPVFTLYFGLKPIVVLHGYEAVKEALIDLGEEFSGRG
IFPLAERANRGFGIVFSNGKKWKEIRHFSLMTLRNFGMGKRSIEDRVQEEARCLVEELRKTKASPCDPTFILGCAPCNVI
CSIIFHKRFDYKDQQFLNLMEKLNENIKILSSPWIQICNNFSPIIDYFPGTHNKLLKNVAFMKSYILEKVKEHQESMDMN
NPQDFIDCFLMKMEKEKHNQPSEFTIESLENTAVDLFGAGTETTSTTLRYALLLLLKHPEVTAKVQEEIERVIGRNRSPC
MQDRSHMPYTDAVVHEVQRYIDLLPTSLPHAVTCDIKFRNYLIPKGTTILISLTSVLHDNKEFPNPEMFDPHHFLDEGGN
FKKSKYFMPFSAGKRICVGEALAGMELFLFLTSILQNFNLKSLVDPKNLDTTPVVNGFASVPPFYQLCFIPIH
;
_entity_poly.pdbx_strand_id   A
#
loop_
_chem_comp.id
_chem_comp.type
_chem_comp.name
_chem_comp.formula
HEM non-polymer 'PROTOPORPHYRIN IX CONTAINING FE' 'C34 H32 Fe N4 O4'
K non-polymer 'POTASSIUM ION' 'K 1'
LSN non-polymer [2-butyl-5-chloranyl-3-[[4-[2-(2H-1,2,3,4-tetrazol-5-yl)phenyl]phenyl]methyl]imidazol-4-yl]methanol 'C22 H23 Cl N6 O'
PO4 non-polymer 'PHOSPHATE ION' 'O4 P -3'
#
# COMPACT_ATOMS: atom_id res chain seq x y z
N LYS A 10 -7.64 0.05 34.06
CA LYS A 10 -8.34 1.12 33.27
C LYS A 10 -7.68 1.31 31.86
N LEU A 11 -8.49 1.71 30.88
CA LEU A 11 -7.96 1.95 29.54
C LEU A 11 -7.24 3.30 29.54
N PRO A 12 -6.49 3.64 28.48
CA PRO A 12 -5.81 4.93 28.53
C PRO A 12 -6.77 6.04 28.73
N PRO A 13 -6.29 7.25 28.86
CA PRO A 13 -7.22 8.36 29.01
C PRO A 13 -7.66 8.75 27.63
N GLY A 14 -8.57 9.69 27.52
CA GLY A 14 -9.01 10.19 26.25
C GLY A 14 -10.16 11.13 26.48
N PRO A 15 -10.65 11.82 25.45
CA PRO A 15 -11.76 12.73 25.70
C PRO A 15 -13.06 12.04 25.99
N THR A 16 -13.63 12.36 27.13
CA THR A 16 -14.88 11.78 27.58
C THR A 16 -15.92 11.80 26.51
N PRO A 17 -16.49 10.65 26.24
CA PRO A 17 -17.48 10.50 25.19
C PRO A 17 -18.84 10.93 25.59
N LEU A 18 -19.74 11.04 24.63
CA LEU A 18 -21.08 11.41 24.95
C LEU A 18 -21.81 10.11 24.98
N PRO A 19 -23.00 10.09 25.53
CA PRO A 19 -23.72 8.83 25.55
C PRO A 19 -24.02 8.31 24.15
N VAL A 20 -23.77 7.02 23.94
CA VAL A 20 -24.05 6.31 22.67
C VAL A 20 -23.47 6.78 21.33
N ILE A 21 -22.77 7.92 21.28
CA ILE A 21 -22.17 8.34 20.00
C ILE A 21 -20.73 8.53 20.32
N GLY A 22 -20.37 8.22 21.54
CA GLY A 22 -19.02 8.35 21.97
C GLY A 22 -18.39 9.67 21.68
N ASN A 23 -17.33 9.62 20.89
CA ASN A 23 -16.56 10.78 20.54
C ASN A 23 -16.75 11.12 19.05
N ILE A 24 -17.73 10.52 18.43
CA ILE A 24 -18.00 10.71 17.05
C ILE A 24 -17.83 12.11 16.57
N LEU A 25 -18.58 13.02 17.14
CA LEU A 25 -18.57 14.39 16.68
C LEU A 25 -17.48 15.32 17.14
N GLN A 26 -16.45 14.76 17.74
CA GLN A 26 -15.32 15.57 18.14
C GLN A 26 -14.13 15.20 17.28
N ILE A 27 -14.33 14.30 16.33
CA ILE A 27 -13.28 13.91 15.44
C ILE A 27 -13.66 14.49 14.13
N GLY A 28 -12.76 15.22 13.53
CA GLY A 28 -13.01 15.77 12.20
C GLY A 28 -12.85 14.65 11.19
N ILE A 29 -13.99 14.15 10.70
CA ILE A 29 -14.06 13.12 9.66
C ILE A 29 -13.28 13.46 8.35
N LYS A 30 -13.17 14.76 8.04
CA LYS A 30 -12.41 15.23 6.88
C LYS A 30 -10.95 14.75 6.96
N ASP A 31 -10.18 15.29 7.91
CA ASP A 31 -8.75 14.95 8.09
C ASP A 31 -8.52 14.31 9.49
N ILE A 32 -8.82 13.03 9.59
CA ILE A 32 -8.69 12.26 10.83
C ILE A 32 -7.29 12.35 11.44
N SER A 33 -6.26 12.17 10.64
CA SER A 33 -4.88 12.23 11.09
C SER A 33 -4.56 13.55 11.81
N LYS A 34 -5.06 14.67 11.28
CA LYS A 34 -4.90 15.99 11.95
C LYS A 34 -5.63 16.02 13.28
N SER A 35 -6.82 15.42 13.30
CA SER A 35 -7.62 15.35 14.50
C SER A 35 -7.00 14.49 15.58
N LEU A 36 -6.45 13.35 15.20
CA LEU A 36 -5.70 12.50 16.15
C LEU A 36 -4.46 13.21 16.66
N THR A 37 -3.78 13.94 15.81
CA THR A 37 -2.56 14.59 16.23
C THR A 37 -2.91 15.70 17.21
N ASN A 38 -4.04 16.36 16.97
CA ASN A 38 -4.50 17.42 17.85
C ASN A 38 -4.77 16.85 19.24
N LEU A 39 -5.55 15.78 19.26
CA LEU A 39 -5.84 15.09 20.49
C LEU A 39 -4.56 14.69 21.23
N SER A 40 -3.53 14.23 20.53
CA SER A 40 -2.27 13.89 21.20
C SER A 40 -1.67 15.04 22.00
N LYS A 41 -1.93 16.28 21.59
CA LYS A 41 -1.33 17.44 22.24
C LYS A 41 -1.96 17.68 23.58
N VAL A 42 -3.17 17.14 23.74
CA VAL A 42 -3.96 17.17 24.97
C VAL A 42 -3.71 15.91 25.78
N TYR A 43 -4.11 14.74 25.26
CA TYR A 43 -4.10 13.47 26.02
C TYR A 43 -2.83 12.62 25.98
N GLY A 44 -1.85 13.01 25.17
CA GLY A 44 -0.54 12.34 25.08
C GLY A 44 -0.37 11.33 23.95
N PRO A 45 0.69 10.50 24.03
CA PRO A 45 0.92 9.49 22.99
C PRO A 45 -0.08 8.34 22.93
N VAL A 46 -0.79 8.06 24.02
CA VAL A 46 -1.74 6.95 24.06
C VAL A 46 -3.09 7.48 24.59
N PHE A 47 -4.17 7.13 23.88
CA PHE A 47 -5.47 7.60 24.26
C PHE A 47 -6.59 6.88 23.58
N THR A 48 -7.74 6.91 24.24
CA THR A 48 -8.92 6.17 23.84
C THR A 48 -9.90 7.14 23.21
N LEU A 49 -10.58 6.66 22.18
CA LEU A 49 -11.76 7.30 21.65
C LEU A 49 -12.83 6.26 21.55
N TYR A 50 -14.07 6.71 21.61
CA TYR A 50 -15.17 5.80 21.49
C TYR A 50 -15.86 6.15 20.22
N PHE A 51 -15.98 5.14 19.39
CA PHE A 51 -16.61 5.23 18.11
C PHE A 51 -17.90 4.51 18.41
N GLY A 52 -18.78 5.17 19.14
CA GLY A 52 -20.09 4.64 19.36
C GLY A 52 -20.16 3.46 20.29
N LEU A 53 -19.60 3.63 21.49
CA LEU A 53 -19.51 2.55 22.46
C LEU A 53 -18.39 1.54 22.19
N LYS A 54 -17.73 1.68 21.05
CA LYS A 54 -16.61 0.81 20.71
C LYS A 54 -15.35 1.56 21.01
N PRO A 55 -14.53 1.07 21.92
CA PRO A 55 -13.30 1.79 22.20
C PRO A 55 -12.22 1.56 21.17
N ILE A 56 -11.43 2.59 20.96
CA ILE A 56 -10.35 2.59 20.01
C ILE A 56 -9.14 3.23 20.70
N VAL A 57 -8.09 2.47 20.93
CA VAL A 57 -6.90 3.09 21.45
C VAL A 57 -6.05 3.56 20.27
N VAL A 58 -5.56 4.78 20.37
CA VAL A 58 -4.78 5.42 19.37
C VAL A 58 -3.35 5.55 19.91
N LEU A 59 -2.38 5.10 19.11
CA LEU A 59 -0.98 5.31 19.41
C LEU A 59 -0.45 6.38 18.48
N HIS A 60 0.38 7.24 19.04
CA HIS A 60 0.81 8.40 18.35
C HIS A 60 2.24 8.69 18.78
N GLY A 61 3.13 8.86 17.79
CA GLY A 61 4.53 9.14 17.98
C GLY A 61 5.32 7.85 17.87
N TYR A 62 6.58 7.97 17.49
CA TYR A 62 7.48 6.84 17.35
C TYR A 62 7.58 5.95 18.60
N GLU A 63 7.83 6.54 19.77
CA GLU A 63 8.06 5.69 20.98
C GLU A 63 6.87 4.74 21.24
N ALA A 64 5.66 5.27 21.25
CA ALA A 64 4.45 4.47 21.43
C ALA A 64 4.28 3.40 20.36
N VAL A 65 4.55 3.79 19.12
CA VAL A 65 4.26 2.93 17.98
C VAL A 65 5.23 1.80 18.00
N LYS A 66 6.51 2.12 18.21
CA LYS A 66 7.59 1.11 18.26
C LYS A 66 7.32 0.09 19.37
N GLU A 67 6.96 0.57 20.56
CA GLU A 67 6.80 -0.39 21.65
C GLU A 67 5.53 -1.23 21.59
N ALA A 68 4.49 -0.74 20.93
CA ALA A 68 3.33 -1.59 20.65
C ALA A 68 3.65 -2.57 19.53
N LEU A 69 4.04 -2.04 18.38
CA LEU A 69 4.09 -2.82 17.16
C LEU A 69 5.29 -3.73 17.03
N ILE A 70 6.40 -3.35 17.63
CA ILE A 70 7.62 -4.14 17.53
C ILE A 70 7.85 -4.84 18.87
N ASP A 71 8.13 -4.08 19.93
CA ASP A 71 8.37 -4.66 21.27
C ASP A 71 7.24 -5.60 21.73
N LEU A 72 5.97 -5.24 21.46
CA LEU A 72 4.83 -6.13 21.73
C LEU A 72 4.15 -6.62 20.45
N GLY A 73 4.95 -7.07 19.51
CA GLY A 73 4.46 -7.38 18.17
C GLY A 73 3.28 -8.32 18.13
N GLU A 74 3.39 -9.43 18.83
CA GLU A 74 2.37 -10.48 18.76
C GLU A 74 1.02 -10.04 19.33
N GLU A 75 1.10 -9.26 20.38
CA GLU A 75 -0.06 -8.77 21.08
C GLU A 75 -0.81 -7.76 20.19
N PHE A 76 -0.06 -6.90 19.49
CA PHE A 76 -0.63 -5.93 18.54
C PHE A 76 -0.75 -6.36 17.07
N SER A 77 -0.80 -7.67 16.82
CA SER A 77 -0.73 -8.25 15.48
C SER A 77 -2.13 -8.51 14.90
N GLY A 78 -3.16 -8.09 15.63
CA GLY A 78 -4.51 -8.36 15.20
C GLY A 78 -4.93 -7.30 14.23
N ARG A 79 -5.99 -7.58 13.50
CA ARG A 79 -6.58 -6.68 12.56
C ARG A 79 -7.91 -6.24 13.12
N GLY A 80 -8.13 -4.95 13.16
CA GLY A 80 -9.36 -4.42 13.67
C GLY A 80 -10.50 -4.64 12.73
N ILE A 81 -11.57 -5.19 13.24
CA ILE A 81 -12.71 -5.47 12.40
C ILE A 81 -13.85 -4.52 12.60
N PHE A 82 -14.38 -4.06 11.49
CA PHE A 82 -15.51 -3.16 11.50
C PHE A 82 -16.60 -3.79 10.66
N PRO A 83 -17.82 -3.21 10.70
CA PRO A 83 -18.90 -3.85 9.93
C PRO A 83 -18.63 -3.99 8.43
N LEU A 84 -17.87 -3.06 7.84
CA LEU A 84 -17.55 -3.10 6.41
C LEU A 84 -16.82 -4.41 5.96
N ALA A 85 -16.01 -4.95 6.89
CA ALA A 85 -15.37 -6.25 6.74
C ALA A 85 -16.35 -7.34 6.35
N GLU A 86 -17.52 -7.34 6.98
CA GLU A 86 -18.55 -8.33 6.67
C GLU A 86 -19.38 -8.02 5.41
N ARG A 87 -19.68 -6.74 5.21
CA ARG A 87 -20.55 -6.31 4.11
C ARG A 87 -19.88 -6.41 2.73
N ALA A 88 -18.55 -6.35 2.72
CA ALA A 88 -17.78 -6.45 1.49
C ALA A 88 -16.97 -7.74 1.51
N ASN A 89 -17.37 -8.65 2.38
CA ASN A 89 -16.73 -9.92 2.55
C ASN A 89 -15.25 -9.88 2.37
N ARG A 90 -14.55 -9.36 3.35
CA ARG A 90 -13.12 -9.25 3.24
C ARG A 90 -12.21 -9.88 4.23
N GLY A 91 -12.70 -10.76 5.07
CA GLY A 91 -11.86 -11.32 6.14
C GLY A 91 -11.31 -12.71 5.90
N PHE A 92 -11.25 -13.10 4.63
CA PHE A 92 -10.88 -14.45 4.24
C PHE A 92 -9.57 -14.58 3.41
N GLY A 93 -8.74 -13.53 3.36
CA GLY A 93 -7.46 -13.54 2.67
C GLY A 93 -6.33 -13.18 3.63
N ILE A 94 -5.57 -12.14 3.35
CA ILE A 94 -4.50 -11.74 4.25
C ILE A 94 -4.79 -10.43 4.91
N VAL A 95 -5.08 -9.42 4.13
CA VAL A 95 -5.32 -8.10 4.68
C VAL A 95 -6.23 -8.05 5.88
N PHE A 96 -7.35 -8.73 5.82
CA PHE A 96 -8.28 -8.67 6.91
C PHE A 96 -8.54 -9.95 7.67
N SER A 97 -7.69 -10.96 7.54
CA SER A 97 -7.88 -12.19 8.26
C SER A 97 -7.24 -12.05 9.59
N ASN A 98 -7.49 -12.98 10.47
CA ASN A 98 -6.93 -12.93 11.80
C ASN A 98 -6.61 -14.31 12.27
N GLY A 99 -5.87 -14.42 13.36
CA GLY A 99 -5.52 -15.70 13.93
C GLY A 99 -4.74 -16.62 12.99
N LYS A 100 -5.06 -17.91 13.06
CA LYS A 100 -4.37 -18.92 12.28
C LYS A 100 -4.44 -18.56 10.82
N LYS A 101 -5.66 -18.53 10.31
CA LYS A 101 -5.90 -18.18 8.87
C LYS A 101 -4.86 -17.15 8.34
N TRP A 102 -4.77 -16.03 9.05
CA TRP A 102 -3.79 -15.00 8.76
C TRP A 102 -2.34 -15.48 8.88
N LYS A 103 -1.99 -16.05 10.04
CA LYS A 103 -0.62 -16.52 10.27
C LYS A 103 -0.12 -17.36 9.10
N GLU A 104 -0.95 -18.30 8.65
CA GLU A 104 -0.59 -19.29 7.62
C GLU A 104 -0.49 -18.72 6.26
N ILE A 105 -1.46 -17.88 5.91
CA ILE A 105 -1.55 -17.32 4.56
C ILE A 105 -0.55 -16.16 4.39
N ARG A 106 -0.33 -15.42 5.46
CA ARG A 106 0.70 -14.41 5.42
C ARG A 106 2.00 -15.11 5.14
N HIS A 107 2.32 -16.13 5.95
CA HIS A 107 3.58 -16.87 5.83
C HIS A 107 3.81 -17.48 4.46
N PHE A 108 2.82 -18.18 3.92
CA PHE A 108 2.90 -18.71 2.56
C PHE A 108 3.15 -17.62 1.51
N SER A 109 2.45 -16.52 1.66
CA SER A 109 2.55 -15.44 0.71
C SER A 109 3.92 -14.75 0.81
N LEU A 110 4.42 -14.55 2.02
CA LEU A 110 5.78 -14.04 2.21
C LEU A 110 6.84 -14.91 1.54
N MET A 111 6.75 -16.22 1.75
CA MET A 111 7.69 -17.16 1.13
C MET A 111 7.59 -17.09 -0.38
N THR A 112 6.37 -17.19 -0.89
CA THR A 112 6.12 -17.21 -2.31
C THR A 112 6.52 -15.90 -2.97
N LEU A 113 6.41 -14.82 -2.25
CA LEU A 113 6.74 -13.56 -2.84
C LEU A 113 8.17 -13.17 -2.69
N ARG A 114 9.00 -14.11 -2.25
CA ARG A 114 10.42 -13.83 -2.14
C ARG A 114 10.76 -13.48 -3.57
N ASN A 115 12.02 -13.16 -3.85
CA ASN A 115 12.36 -12.82 -5.19
C ASN A 115 12.44 -14.01 -6.13
N PHE A 116 12.90 -15.15 -5.60
CA PHE A 116 12.94 -16.43 -6.31
C PHE A 116 12.02 -17.51 -5.67
N GLY A 117 10.96 -17.05 -5.03
CA GLY A 117 9.99 -17.95 -4.46
C GLY A 117 9.06 -18.64 -5.44
N MET A 118 9.14 -18.39 -6.74
CA MET A 118 8.26 -19.04 -7.69
C MET A 118 9.01 -19.46 -8.95
N GLY A 119 10.15 -20.12 -8.81
CA GLY A 119 10.87 -20.68 -9.98
C GLY A 119 12.00 -19.83 -10.49
N LYS A 120 12.43 -20.07 -11.72
CA LYS A 120 13.63 -19.37 -12.23
C LYS A 120 13.39 -17.86 -12.42
N ARG A 121 12.22 -17.44 -12.96
CA ARG A 121 11.82 -16.00 -13.07
C ARG A 121 11.72 -15.32 -11.72
N SER A 122 12.58 -14.32 -11.54
CA SER A 122 12.57 -13.55 -10.35
C SER A 122 11.36 -12.58 -10.40
N ILE A 123 10.95 -12.15 -9.22
CA ILE A 123 10.07 -11.02 -9.09
C ILE A 123 10.68 -9.86 -9.88
N GLU A 124 11.94 -9.53 -9.60
CA GLU A 124 12.69 -8.47 -10.31
C GLU A 124 12.64 -8.56 -11.81
N ASP A 125 12.70 -9.76 -12.37
CA ASP A 125 12.57 -9.89 -13.81
C ASP A 125 11.17 -9.51 -14.29
N ARG A 126 10.15 -9.83 -13.50
CA ARG A 126 8.78 -9.43 -13.82
C ARG A 126 8.62 -7.95 -13.78
N VAL A 127 9.25 -7.30 -12.81
CA VAL A 127 9.13 -5.84 -12.67
C VAL A 127 9.85 -5.13 -13.82
N GLN A 128 11.08 -5.58 -14.13
CA GLN A 128 11.87 -5.03 -15.26
C GLN A 128 11.13 -5.21 -16.58
N GLU A 129 10.53 -6.37 -16.81
CA GLU A 129 9.76 -6.52 -18.02
C GLU A 129 8.69 -5.43 -18.12
N GLU A 130 8.06 -5.11 -16.99
CA GLU A 130 6.97 -4.16 -16.94
C GLU A 130 7.48 -2.75 -17.06
N ALA A 131 8.59 -2.45 -16.40
CA ALA A 131 9.21 -1.13 -16.56
C ALA A 131 9.49 -0.89 -18.04
N ARG A 132 9.87 -1.92 -18.78
CA ARG A 132 10.12 -1.78 -20.20
C ARG A 132 8.82 -1.28 -20.83
N CYS A 133 7.79 -2.14 -20.82
CA CYS A 133 6.47 -1.78 -21.34
C CYS A 133 5.94 -0.42 -20.87
N LEU A 134 6.17 -0.10 -19.60
CA LEU A 134 5.76 1.20 -19.09
C LEU A 134 6.43 2.30 -19.91
N VAL A 135 7.73 2.17 -20.14
CA VAL A 135 8.47 3.15 -20.92
C VAL A 135 7.89 3.25 -22.33
N GLU A 136 7.56 2.10 -22.92
CA GLU A 136 7.02 2.06 -24.27
C GLU A 136 5.68 2.78 -24.40
N GLU A 137 4.77 2.59 -23.46
CA GLU A 137 3.52 3.35 -23.45
C GLU A 137 3.70 4.82 -23.35
N LEU A 138 4.67 5.25 -22.55
CA LEU A 138 4.96 6.65 -22.38
C LEU A 138 5.40 7.22 -23.70
N ARG A 139 6.19 6.48 -24.46
CA ARG A 139 6.49 6.90 -25.85
C ARG A 139 5.24 7.10 -26.70
N LYS A 140 4.33 6.14 -26.65
CA LYS A 140 3.09 6.24 -27.43
C LYS A 140 2.25 7.51 -27.16
N THR A 141 2.48 8.20 -26.04
CA THR A 141 1.85 9.48 -25.77
C THR A 141 2.49 10.60 -26.59
N LYS A 142 3.61 10.31 -27.26
CA LYS A 142 4.15 11.18 -28.31
C LYS A 142 4.49 12.57 -27.76
N ALA A 143 4.76 12.67 -26.47
CA ALA A 143 5.10 13.95 -25.80
C ALA A 143 3.94 14.95 -25.59
N SER A 144 2.71 14.56 -25.92
CA SER A 144 1.56 15.45 -25.74
C SER A 144 1.16 15.44 -24.26
N PRO A 145 0.38 16.40 -23.82
CA PRO A 145 -0.02 16.47 -22.42
C PRO A 145 -0.54 15.15 -22.00
N CYS A 146 -0.66 14.91 -20.71
CA CYS A 146 -1.07 13.61 -20.24
C CYS A 146 -1.46 13.56 -18.80
N ASP A 147 -2.41 12.70 -18.47
CA ASP A 147 -2.82 12.49 -17.12
C ASP A 147 -2.31 11.11 -16.94
N PRO A 148 -1.19 10.99 -16.14
CA PRO A 148 -0.63 9.63 -16.05
C PRO A 148 -1.38 8.65 -15.19
N THR A 149 -2.48 9.06 -14.64
CA THR A 149 -3.24 8.19 -13.75
C THR A 149 -3.40 6.79 -14.31
N PHE A 150 -3.88 6.67 -15.54
CA PHE A 150 -4.16 5.35 -16.10
C PHE A 150 -2.90 4.52 -16.38
N ILE A 151 -1.96 5.09 -17.11
CA ILE A 151 -0.73 4.39 -17.49
C ILE A 151 0.01 3.89 -16.24
N LEU A 152 0.27 4.80 -15.32
CA LEU A 152 1.03 4.45 -14.15
C LEU A 152 0.34 3.41 -13.32
N GLY A 153 -0.98 3.30 -13.39
CA GLY A 153 -1.70 2.26 -12.65
C GLY A 153 -1.76 0.91 -13.35
N CYS A 154 -1.58 0.89 -14.65
CA CYS A 154 -1.50 -0.37 -15.39
C CYS A 154 -0.28 -1.18 -15.02
N ALA A 155 0.85 -0.50 -14.80
CA ALA A 155 2.08 -1.20 -14.44
C ALA A 155 1.98 -2.04 -13.14
N PRO A 156 1.70 -1.43 -11.98
CA PRO A 156 1.61 -2.21 -10.75
C PRO A 156 0.56 -3.27 -10.79
N CYS A 157 -0.55 -3.00 -11.46
CA CYS A 157 -1.58 -4.00 -11.68
C CYS A 157 -1.08 -5.16 -12.51
N ASN A 158 -0.30 -4.87 -13.54
CA ASN A 158 0.21 -5.92 -14.43
C ASN A 158 1.28 -6.78 -13.80
N VAL A 159 2.03 -6.18 -12.88
CA VAL A 159 2.96 -6.94 -12.07
C VAL A 159 2.23 -7.94 -11.19
N ILE A 160 1.07 -7.59 -10.66
CA ILE A 160 0.32 -8.53 -9.85
C ILE A 160 -0.25 -9.66 -10.71
N CYS A 161 -0.71 -9.30 -11.91
CA CYS A 161 -1.15 -10.27 -12.87
C CYS A 161 -0.03 -11.25 -13.21
N SER A 162 1.18 -10.73 -13.39
CA SER A 162 2.30 -11.60 -13.71
C SER A 162 2.59 -12.55 -12.55
N ILE A 163 2.72 -12.00 -11.35
CA ILE A 163 2.91 -12.81 -10.16
C ILE A 163 1.83 -13.88 -9.98
N ILE A 164 0.59 -13.59 -10.33
CA ILE A 164 -0.49 -14.50 -10.01
C ILE A 164 -0.79 -15.50 -11.13
N PHE A 165 -0.76 -15.06 -12.37
CA PHE A 165 -1.04 -15.93 -13.53
C PHE A 165 0.16 -16.36 -14.38
N HIS A 166 1.36 -16.17 -13.86
CA HIS A 166 2.56 -16.51 -14.58
C HIS A 166 2.96 -15.63 -15.78
N LYS A 167 2.09 -14.74 -16.24
CA LYS A 167 2.51 -13.70 -17.17
C LYS A 167 1.58 -12.48 -17.36
N ARG A 168 2.19 -11.37 -17.78
CA ARG A 168 1.51 -10.11 -18.08
C ARG A 168 0.54 -10.11 -19.27
N PHE A 169 -0.32 -9.09 -19.28
CA PHE A 169 -1.24 -8.80 -20.35
C PHE A 169 -0.66 -7.67 -21.10
N ASP A 170 -1.17 -7.48 -22.30
CA ASP A 170 -0.90 -6.29 -23.07
C ASP A 170 -1.82 -5.24 -22.49
N TYR A 171 -1.38 -3.98 -22.48
CA TYR A 171 -2.20 -2.90 -21.92
C TYR A 171 -3.52 -2.63 -22.66
N LYS A 172 -3.72 -3.24 -23.81
CA LYS A 172 -4.98 -3.07 -24.53
C LYS A 172 -5.82 -4.33 -24.59
N ASP A 173 -5.30 -5.44 -24.06
CA ASP A 173 -6.08 -6.67 -23.86
C ASP A 173 -7.31 -6.37 -22.97
N GLN A 174 -8.49 -6.75 -23.45
CA GLN A 174 -9.73 -6.39 -22.78
C GLN A 174 -9.88 -7.10 -21.46
N GLN A 175 -9.36 -8.30 -21.32
CA GLN A 175 -9.49 -9.01 -20.06
C GLN A 175 -8.83 -8.16 -18.96
N PHE A 176 -7.62 -7.71 -19.24
CA PHE A 176 -6.88 -6.80 -18.37
C PHE A 176 -7.63 -5.51 -18.11
N LEU A 177 -8.16 -4.91 -19.15
CA LEU A 177 -8.89 -3.66 -19.00
C LEU A 177 -10.09 -3.81 -18.11
N ASN A 178 -10.78 -4.93 -18.19
CA ASN A 178 -11.93 -5.17 -17.36
C ASN A 178 -11.52 -5.38 -15.95
N LEU A 179 -10.45 -6.16 -15.77
CA LEU A 179 -9.93 -6.44 -14.44
C LEU A 179 -9.64 -5.12 -13.75
N MET A 180 -8.88 -4.26 -14.43
CA MET A 180 -8.55 -2.98 -13.90
C MET A 180 -9.74 -2.12 -13.66
N GLU A 181 -10.63 -2.01 -14.60
CA GLU A 181 -11.86 -1.21 -14.38
C GLU A 181 -12.51 -1.53 -13.02
N LYS A 182 -12.68 -2.81 -12.73
CA LYS A 182 -13.41 -3.27 -11.54
C LYS A 182 -12.64 -2.96 -10.25
N LEU A 183 -11.34 -3.13 -10.35
CA LEU A 183 -10.43 -2.86 -9.25
C LEU A 183 -10.48 -1.38 -8.93
N ASN A 184 -10.29 -0.58 -9.98
CA ASN A 184 -10.36 0.86 -9.89
C ASN A 184 -11.71 1.37 -9.34
N GLU A 185 -12.82 0.77 -9.77
CA GLU A 185 -14.17 1.09 -9.22
C GLU A 185 -14.27 0.80 -7.75
N ASN A 186 -13.93 -0.41 -7.33
CA ASN A 186 -14.00 -0.77 -5.91
C ASN A 186 -13.07 0.07 -5.03
N ILE A 187 -11.89 0.39 -5.54
CA ILE A 187 -11.00 1.21 -4.74
C ILE A 187 -11.63 2.61 -4.53
N LYS A 188 -12.11 3.22 -5.61
CA LYS A 188 -12.76 4.54 -5.49
C LYS A 188 -13.98 4.50 -4.60
N ILE A 189 -14.78 3.46 -4.71
CA ILE A 189 -15.94 3.27 -3.84
C ILE A 189 -15.49 3.16 -2.39
N LEU A 190 -14.59 2.22 -2.12
CA LEU A 190 -14.12 2.01 -0.76
C LEU A 190 -13.47 3.26 -0.19
N SER A 191 -13.01 4.17 -1.01
CA SER A 191 -12.42 5.38 -0.49
C SER A 191 -13.44 6.43 0.02
N SER A 192 -14.72 6.18 -0.12
CA SER A 192 -15.70 7.19 0.29
C SER A 192 -15.77 7.17 1.80
N PRO A 193 -15.85 8.36 2.41
CA PRO A 193 -16.09 8.42 3.85
C PRO A 193 -17.35 7.69 4.27
N TRP A 194 -18.34 7.63 3.39
CA TRP A 194 -19.61 7.05 3.73
C TRP A 194 -19.50 5.56 3.96
N ILE A 195 -18.63 4.91 3.21
CA ILE A 195 -18.41 3.45 3.27
C ILE A 195 -17.34 3.10 4.31
N GLN A 196 -16.23 3.83 4.29
CA GLN A 196 -15.15 3.60 5.25
C GLN A 196 -15.51 3.96 6.70
N ILE A 197 -16.26 5.04 6.90
CA ILE A 197 -16.51 5.54 8.25
C ILE A 197 -17.98 5.46 8.59
N CYS A 198 -18.78 6.38 8.04
CA CYS A 198 -20.18 6.57 8.48
C CYS A 198 -21.08 5.30 8.49
N ASN A 199 -20.97 4.44 7.49
CA ASN A 199 -21.74 3.21 7.49
C ASN A 199 -21.26 2.26 8.60
N ASN A 200 -19.99 2.38 8.99
CA ASN A 200 -19.50 1.64 10.15
C ASN A 200 -20.08 2.08 11.51
N PHE A 201 -20.72 3.23 11.62
CA PHE A 201 -21.35 3.64 12.86
C PHE A 201 -22.51 2.72 13.14
N SER A 202 -23.19 2.27 12.11
CA SER A 202 -24.33 1.35 12.17
C SER A 202 -23.83 -0.08 12.24
N PRO A 203 -23.91 -0.72 13.43
CA PRO A 203 -23.26 -2.02 13.52
C PRO A 203 -24.03 -3.15 12.83
N ILE A 204 -25.35 -3.07 12.79
CA ILE A 204 -26.19 -4.14 12.23
C ILE A 204 -26.75 -3.75 10.85
N ILE A 205 -27.49 -2.66 10.79
CA ILE A 205 -28.20 -2.25 9.56
C ILE A 205 -27.19 -1.63 8.58
N ASP A 206 -27.29 -2.02 7.32
CA ASP A 206 -26.42 -1.54 6.28
C ASP A 206 -27.21 -0.50 5.49
N TYR A 207 -26.77 0.76 5.63
CA TYR A 207 -27.43 1.86 4.96
C TYR A 207 -26.98 2.09 3.50
N PHE A 208 -26.12 1.21 2.95
CA PHE A 208 -25.64 1.33 1.56
C PHE A 208 -25.64 0.00 0.86
N PRO A 209 -26.75 -0.75 0.96
CA PRO A 209 -26.84 -2.12 0.43
C PRO A 209 -26.49 -2.20 -1.07
N GLY A 210 -26.97 -1.25 -1.85
CA GLY A 210 -26.57 -1.07 -3.23
C GLY A 210 -25.09 -1.08 -3.50
N THR A 211 -24.37 -0.31 -2.69
CA THR A 211 -22.94 -0.16 -2.86
C THR A 211 -22.22 -1.45 -2.59
N HIS A 212 -22.59 -2.12 -1.51
CA HIS A 212 -21.97 -3.39 -1.18
C HIS A 212 -22.29 -4.44 -2.21
N ASN A 213 -23.48 -4.34 -2.77
CA ASN A 213 -23.85 -5.24 -3.82
C ASN A 213 -22.94 -5.07 -5.06
N LYS A 214 -22.71 -3.82 -5.41
CA LYS A 214 -21.83 -3.43 -6.50
C LYS A 214 -20.42 -3.88 -6.24
N LEU A 215 -19.93 -3.66 -5.00
CA LEU A 215 -18.59 -4.11 -4.59
C LEU A 215 -18.45 -5.60 -4.79
N LEU A 216 -19.43 -6.34 -4.31
CA LEU A 216 -19.37 -7.81 -4.36
C LEU A 216 -19.53 -8.31 -5.77
N LYS A 217 -20.31 -7.60 -6.57
CA LYS A 217 -20.52 -8.01 -7.93
C LYS A 217 -19.17 -7.94 -8.69
N ASN A 218 -18.39 -6.89 -8.42
CA ASN A 218 -17.08 -6.71 -9.03
C ASN A 218 -16.06 -7.69 -8.45
N VAL A 219 -16.15 -8.00 -7.17
CA VAL A 219 -15.25 -8.99 -6.63
C VAL A 219 -15.53 -10.30 -7.32
N ALA A 220 -16.78 -10.64 -7.51
CA ALA A 220 -17.14 -11.92 -8.10
C ALA A 220 -16.61 -12.01 -9.51
N PHE A 221 -16.71 -10.94 -10.28
CA PHE A 221 -16.17 -10.93 -11.64
C PHE A 221 -14.70 -11.31 -11.63
N MET A 222 -13.94 -10.68 -10.73
CA MET A 222 -12.52 -10.94 -10.56
C MET A 222 -12.27 -12.37 -10.06
N LYS A 223 -12.97 -12.77 -9.01
CA LYS A 223 -12.90 -14.15 -8.53
C LYS A 223 -13.18 -15.19 -9.62
N SER A 224 -14.23 -14.96 -10.42
CA SER A 224 -14.58 -15.87 -11.50
C SER A 224 -13.46 -15.97 -12.53
N TYR A 225 -12.75 -14.86 -12.77
CA TYR A 225 -11.58 -14.86 -13.65
C TYR A 225 -10.43 -15.62 -13.02
N ILE A 226 -10.18 -15.38 -11.73
CA ILE A 226 -9.14 -16.14 -11.04
C ILE A 226 -9.42 -17.66 -11.13
N LEU A 227 -10.69 -18.08 -11.12
CA LEU A 227 -11.03 -19.49 -11.29
C LEU A 227 -10.75 -20.03 -12.69
N GLU A 228 -11.07 -19.28 -13.74
CA GLU A 228 -10.73 -19.70 -15.11
C GLU A 228 -9.25 -19.98 -15.23
N LYS A 229 -8.43 -19.19 -14.56
CA LYS A 229 -6.99 -19.37 -14.56
C LYS A 229 -6.56 -20.57 -13.73
N VAL A 230 -7.10 -20.70 -12.53
CA VAL A 230 -6.79 -21.81 -11.64
C VAL A 230 -6.98 -23.16 -12.35
N LYS A 231 -8.16 -23.37 -12.92
CA LYS A 231 -8.44 -24.55 -13.71
C LYS A 231 -7.33 -24.79 -14.77
N GLU A 232 -7.06 -23.80 -15.63
CA GLU A 232 -5.95 -23.89 -16.62
C GLU A 232 -4.60 -24.33 -15.99
N HIS A 233 -4.32 -23.87 -14.77
CA HIS A 233 -3.08 -24.19 -14.07
C HIS A 233 -3.05 -25.63 -13.52
N GLN A 234 -4.25 -26.20 -13.46
CA GLN A 234 -4.49 -27.55 -13.00
C GLN A 234 -4.29 -28.59 -14.12
N GLU A 235 -4.10 -28.10 -15.33
CA GLU A 235 -3.72 -28.91 -16.50
C GLU A 235 -2.35 -28.50 -17.13
N SER A 236 -1.70 -27.46 -16.60
CA SER A 236 -0.32 -27.08 -16.95
C SER A 236 0.60 -27.29 -15.75
N MET A 237 0.28 -28.27 -14.95
CA MET A 237 1.02 -28.48 -13.74
C MET A 237 2.28 -29.31 -13.65
N ASP A 238 3.40 -28.65 -13.80
CA ASP A 238 4.71 -29.24 -13.55
C ASP A 238 4.96 -29.15 -12.05
N MET A 239 4.91 -30.26 -11.36
CA MET A 239 5.12 -30.28 -9.92
C MET A 239 6.48 -29.88 -9.42
N ASN A 240 7.44 -29.90 -10.31
CA ASN A 240 8.82 -29.49 -10.01
C ASN A 240 9.17 -28.06 -10.41
N ASN A 241 8.32 -27.41 -11.21
CA ASN A 241 8.51 -26.01 -11.57
C ASN A 241 7.24 -25.18 -11.43
N PRO A 242 6.84 -24.86 -10.19
CA PRO A 242 5.70 -23.94 -10.01
C PRO A 242 6.03 -22.51 -10.44
N GLN A 243 5.41 -22.06 -11.51
CA GLN A 243 5.82 -20.83 -12.16
C GLN A 243 5.24 -19.54 -11.61
N ASP A 244 4.19 -19.61 -10.78
CA ASP A 244 3.51 -18.41 -10.24
C ASP A 244 2.88 -18.66 -8.88
N PHE A 245 2.10 -17.69 -8.41
CA PHE A 245 1.43 -17.78 -7.12
C PHE A 245 0.36 -18.88 -7.09
N ILE A 246 -0.41 -19.02 -8.16
CA ILE A 246 -1.36 -20.12 -8.26
C ILE A 246 -0.69 -21.52 -8.16
N ASP A 247 0.30 -21.77 -9.03
CA ASP A 247 1.03 -23.03 -8.97
C ASP A 247 1.51 -23.22 -7.50
N CYS A 248 2.20 -22.24 -6.94
CA CYS A 248 2.69 -22.41 -5.58
C CYS A 248 1.59 -22.74 -4.56
N PHE A 249 0.38 -22.24 -4.79
CA PHE A 249 -0.73 -22.39 -3.85
C PHE A 249 -1.28 -23.80 -3.96
N LEU A 250 -1.52 -24.22 -5.21
CA LEU A 250 -2.03 -25.57 -5.49
C LEU A 250 -1.08 -26.64 -4.95
N MET A 251 0.22 -26.39 -5.10
CA MET A 251 1.29 -27.21 -4.55
C MET A 251 1.13 -27.41 -3.06
N LYS A 252 0.90 -26.31 -2.34
CA LYS A 252 0.68 -26.32 -0.88
C LYS A 252 -0.62 -27.01 -0.54
N MET A 253 -1.62 -26.90 -1.42
CA MET A 253 -2.85 -27.64 -1.26
C MET A 253 -2.66 -29.12 -1.38
N GLU A 254 -1.84 -29.52 -2.35
CA GLU A 254 -1.61 -30.93 -2.67
C GLU A 254 -0.59 -31.58 -1.74
N LYS A 255 -0.61 -31.05 -0.54
CA LYS A 255 0.37 -31.30 0.45
C LYS A 255 -0.18 -31.02 1.82
N GLU A 256 -1.48 -30.77 1.87
CA GLU A 256 -2.18 -30.51 3.08
C GLU A 256 -3.39 -31.37 2.92
N LYS A 257 -3.38 -32.24 1.93
CA LYS A 257 -4.53 -33.08 1.65
C LYS A 257 -4.87 -33.94 2.83
N HIS A 258 -3.93 -34.07 3.75
CA HIS A 258 -4.15 -34.88 4.90
C HIS A 258 -4.01 -34.04 6.12
N ASN A 259 -4.65 -32.90 6.09
CA ASN A 259 -4.65 -31.98 7.20
C ASN A 259 -5.94 -31.20 7.11
N GLN A 260 -6.98 -31.84 6.63
CA GLN A 260 -8.24 -31.18 6.51
C GLN A 260 -8.76 -30.93 7.93
N PRO A 261 -9.44 -29.81 8.13
CA PRO A 261 -9.64 -28.87 7.06
C PRO A 261 -8.41 -28.01 7.00
N SER A 262 -8.20 -27.32 5.90
CA SER A 262 -7.04 -26.50 5.77
C SER A 262 -7.36 -25.11 5.35
N GLU A 263 -6.48 -24.21 5.75
CA GLU A 263 -6.56 -22.79 5.41
C GLU A 263 -6.38 -22.57 3.90
N PHE A 264 -5.74 -23.53 3.25
CA PHE A 264 -5.50 -23.45 1.82
C PHE A 264 -6.54 -24.24 1.06
N THR A 265 -7.45 -23.52 0.41
CA THR A 265 -8.52 -24.11 -0.40
C THR A 265 -8.65 -23.24 -1.62
N ILE A 266 -9.44 -23.63 -2.61
CA ILE A 266 -9.66 -22.74 -3.76
C ILE A 266 -10.30 -21.41 -3.32
N GLU A 267 -11.23 -21.48 -2.35
CA GLU A 267 -11.88 -20.30 -1.75
C GLU A 267 -10.83 -19.30 -1.25
N SER A 268 -9.87 -19.77 -0.44
CA SER A 268 -8.82 -18.89 0.12
C SER A 268 -7.82 -18.39 -0.94
N LEU A 269 -7.44 -19.26 -1.87
CA LEU A 269 -6.63 -18.85 -3.01
C LEU A 269 -7.24 -17.64 -3.69
N GLU A 270 -8.52 -17.68 -4.01
CA GLU A 270 -9.09 -16.56 -4.75
C GLU A 270 -9.27 -15.32 -3.85
N ASN A 271 -9.72 -15.52 -2.63
CA ASN A 271 -9.70 -14.41 -1.69
C ASN A 271 -8.37 -13.77 -1.50
N THR A 272 -7.32 -14.58 -1.55
CA THR A 272 -5.97 -14.06 -1.30
C THR A 272 -5.48 -13.29 -2.54
N ALA A 273 -5.70 -13.89 -3.70
CA ALA A 273 -5.44 -13.24 -4.94
C ALA A 273 -6.14 -11.87 -5.05
N VAL A 274 -7.37 -11.76 -4.53
CA VAL A 274 -8.09 -10.48 -4.56
C VAL A 274 -7.42 -9.49 -3.61
N ASP A 275 -7.04 -9.97 -2.44
CA ASP A 275 -6.24 -9.14 -1.56
C ASP A 275 -4.97 -8.60 -2.20
N LEU A 276 -4.32 -9.41 -3.01
CA LEU A 276 -3.06 -8.97 -3.63
C LEU A 276 -3.33 -7.85 -4.64
N PHE A 277 -4.27 -8.10 -5.55
CA PHE A 277 -4.74 -7.04 -6.41
C PHE A 277 -5.15 -5.79 -5.67
N GLY A 278 -5.89 -5.93 -4.58
CA GLY A 278 -6.37 -4.75 -3.85
C GLY A 278 -5.25 -3.91 -3.25
N ALA A 279 -4.46 -4.60 -2.43
CA ALA A 279 -3.28 -4.04 -1.80
C ALA A 279 -2.12 -3.65 -2.74
N GLY A 280 -2.02 -4.31 -3.88
CA GLY A 280 -0.88 -4.19 -4.75
C GLY A 280 -0.90 -3.05 -5.75
N THR A 281 -2.06 -2.61 -6.20
CA THR A 281 -2.04 -1.61 -7.28
C THR A 281 -2.33 -0.15 -7.01
N GLU A 282 -3.21 0.15 -6.08
CA GLU A 282 -3.56 1.53 -5.84
C GLU A 282 -2.42 2.35 -5.23
N THR A 283 -1.85 1.81 -4.15
CA THR A 283 -0.88 2.57 -3.36
C THR A 283 0.42 2.75 -4.12
N THR A 284 0.85 1.71 -4.81
CA THR A 284 2.00 1.81 -5.67
C THR A 284 1.74 2.84 -6.76
N SER A 285 0.62 2.64 -7.44
CA SER A 285 0.13 3.54 -8.47
C SER A 285 0.08 5.01 -8.08
N THR A 286 -0.56 5.31 -6.96
CA THR A 286 -0.60 6.68 -6.42
C THR A 286 0.80 7.23 -6.03
N THR A 287 1.63 6.36 -5.45
CA THR A 287 2.94 6.76 -5.03
C THR A 287 3.72 7.15 -6.31
N LEU A 288 3.56 6.42 -7.40
CA LEU A 288 4.27 6.80 -8.63
C LEU A 288 3.79 8.13 -9.11
N ARG A 289 2.47 8.28 -9.16
CA ARG A 289 1.83 9.48 -9.63
C ARG A 289 2.28 10.67 -8.81
N TYR A 290 2.35 10.47 -7.50
CA TYR A 290 2.73 11.56 -6.65
C TYR A 290 4.24 11.87 -6.79
N ALA A 291 5.05 10.85 -7.08
CA ALA A 291 6.49 11.04 -7.29
C ALA A 291 6.74 11.88 -8.51
N LEU A 292 6.04 11.58 -9.59
CA LEU A 292 6.14 12.41 -10.78
C LEU A 292 5.79 13.86 -10.47
N LEU A 293 4.63 14.08 -9.84
CA LEU A 293 4.24 15.45 -9.51
C LEU A 293 5.34 16.13 -8.66
N LEU A 294 5.97 15.40 -7.76
CA LEU A 294 6.97 16.02 -6.91
C LEU A 294 8.24 16.31 -7.68
N LEU A 295 8.57 15.44 -8.64
CA LEU A 295 9.70 15.68 -9.56
C LEU A 295 9.47 16.85 -10.51
N LEU A 296 8.27 16.95 -11.12
CA LEU A 296 7.86 18.15 -11.84
C LEU A 296 8.02 19.44 -11.04
N LYS A 297 7.66 19.39 -9.77
CA LYS A 297 7.70 20.58 -8.96
C LYS A 297 9.14 20.92 -8.57
N HIS A 298 9.98 19.91 -8.39
CA HIS A 298 11.35 20.14 -7.92
C HIS A 298 12.32 19.59 -8.96
N PRO A 299 12.49 20.32 -10.07
CA PRO A 299 13.26 19.78 -11.18
C PRO A 299 14.76 19.64 -10.92
N GLU A 300 15.30 20.40 -9.96
CA GLU A 300 16.70 20.15 -9.48
C GLU A 300 16.90 18.71 -9.01
N VAL A 301 15.85 18.17 -8.40
CA VAL A 301 15.82 16.80 -7.92
C VAL A 301 15.72 15.86 -9.11
N THR A 302 14.75 16.08 -9.99
CA THR A 302 14.73 15.26 -11.17
C THR A 302 16.07 15.17 -11.87
N ALA A 303 16.79 16.30 -11.94
CA ALA A 303 18.07 16.38 -12.61
C ALA A 303 19.14 15.59 -11.90
N LYS A 304 19.18 15.65 -10.57
CA LYS A 304 20.19 14.86 -9.79
C LYS A 304 19.99 13.35 -9.83
N VAL A 305 18.75 12.91 -9.95
CA VAL A 305 18.43 11.51 -10.08
C VAL A 305 18.96 11.12 -11.42
N GLN A 306 18.76 11.97 -12.42
CA GLN A 306 19.20 11.64 -13.78
C GLN A 306 20.73 11.61 -13.97
N GLU A 307 21.43 12.54 -13.33
CA GLU A 307 22.89 12.46 -13.19
C GLU A 307 23.28 11.07 -12.71
N GLU A 308 22.65 10.60 -11.64
CA GLU A 308 22.94 9.26 -11.09
C GLU A 308 22.62 8.17 -12.09
N ILE A 309 21.51 8.30 -12.80
CA ILE A 309 21.12 7.28 -13.70
C ILE A 309 22.16 7.18 -14.83
N GLU A 310 22.61 8.35 -15.32
CA GLU A 310 23.51 8.42 -16.49
C GLU A 310 24.85 7.78 -16.16
N ARG A 311 25.35 8.12 -14.98
CA ARG A 311 26.66 7.69 -14.50
C ARG A 311 26.73 6.23 -14.12
N VAL A 312 25.71 5.74 -13.42
CA VAL A 312 25.69 4.38 -12.90
C VAL A 312 25.04 3.41 -13.89
N ILE A 313 23.92 3.80 -14.47
CA ILE A 313 23.21 2.86 -15.36
C ILE A 313 23.57 3.06 -16.81
N GLY A 314 23.67 4.32 -17.24
CA GLY A 314 23.87 4.63 -18.64
C GLY A 314 22.65 4.38 -19.51
N ARG A 315 22.84 4.28 -20.83
CA ARG A 315 21.69 4.07 -21.73
C ARG A 315 21.58 2.67 -22.35
N ASN A 316 22.65 1.90 -22.28
CA ASN A 316 22.67 0.56 -22.85
C ASN A 316 21.97 -0.52 -22.08
N ARG A 317 21.25 -0.17 -21.03
CA ARG A 317 20.55 -1.18 -20.27
C ARG A 317 19.55 -0.60 -19.35
N SER A 318 18.67 -1.46 -18.87
CA SER A 318 17.64 -1.08 -17.99
C SER A 318 18.16 -1.17 -16.61
N PRO A 319 17.54 -0.45 -15.68
CA PRO A 319 17.99 -0.46 -14.28
C PRO A 319 17.67 -1.76 -13.53
N CYS A 320 18.44 -2.06 -12.49
CA CYS A 320 18.25 -3.25 -11.70
C CYS A 320 18.37 -2.90 -10.25
N MET A 321 18.06 -3.81 -9.37
CA MET A 321 18.11 -3.51 -7.99
C MET A 321 19.52 -3.33 -7.48
N GLN A 322 20.53 -3.93 -8.14
CA GLN A 322 21.94 -3.73 -7.74
C GLN A 322 22.35 -2.25 -7.79
N ASP A 323 21.84 -1.53 -8.78
CA ASP A 323 22.16 -0.13 -8.98
C ASP A 323 21.79 0.74 -7.77
N ARG A 324 20.70 0.36 -7.12
CA ARG A 324 20.18 1.06 -5.95
C ARG A 324 21.23 1.38 -4.90
N SER A 325 22.12 0.44 -4.62
CA SER A 325 23.16 0.70 -3.59
C SER A 325 24.18 1.74 -4.05
N HIS A 326 24.37 1.89 -5.36
CA HIS A 326 25.29 2.87 -5.90
C HIS A 326 24.50 4.07 -6.47
N MET A 327 23.40 4.42 -5.81
CA MET A 327 22.55 5.52 -6.22
C MET A 327 21.85 6.13 -4.99
N PRO A 328 22.63 6.57 -4.02
CA PRO A 328 22.05 7.12 -2.79
C PRO A 328 21.04 8.27 -2.97
N TYR A 329 21.30 9.20 -3.89
CA TYR A 329 20.38 10.31 -4.09
C TYR A 329 19.00 9.79 -4.52
N THR A 330 18.99 8.92 -5.52
CA THR A 330 17.74 8.35 -6.00
C THR A 330 16.98 7.59 -4.93
N ASP A 331 17.70 6.82 -4.11
CA ASP A 331 17.13 6.09 -2.97
C ASP A 331 16.52 7.06 -1.99
N ALA A 332 17.21 8.15 -1.69
CA ALA A 332 16.64 9.17 -0.83
C ALA A 332 15.35 9.76 -1.38
N VAL A 333 15.27 9.86 -2.71
CA VAL A 333 14.17 10.58 -3.33
C VAL A 333 12.93 9.75 -3.20
N VAL A 334 13.03 8.49 -3.60
CA VAL A 334 11.96 7.53 -3.43
C VAL A 334 11.46 7.50 -1.95
N HIS A 335 12.40 7.35 -1.03
CA HIS A 335 12.09 7.37 0.39
C HIS A 335 11.38 8.68 0.77
N GLU A 336 11.87 9.80 0.27
CA GLU A 336 11.23 11.05 0.61
C GLU A 336 9.84 11.23 0.05
N VAL A 337 9.60 10.69 -1.16
CA VAL A 337 8.26 10.65 -1.70
C VAL A 337 7.38 9.89 -0.75
N GLN A 338 7.72 8.65 -0.40
CA GLN A 338 6.87 7.87 0.49
C GLN A 338 6.66 8.54 1.85
N ARG A 339 7.72 9.07 2.46
CA ARG A 339 7.54 9.78 3.71
C ARG A 339 6.63 11.01 3.61
N TYR A 340 6.75 11.79 2.55
CA TYR A 340 6.05 13.04 2.49
C TYR A 340 4.60 12.81 2.19
N ILE A 341 4.32 11.99 1.21
CA ILE A 341 2.95 11.77 0.83
C ILE A 341 2.07 11.10 1.83
N ASP A 342 2.66 10.32 2.71
CA ASP A 342 2.00 9.63 3.79
C ASP A 342 0.70 9.02 3.46
N LEU A 343 0.69 8.05 2.55
CA LEU A 343 -0.55 7.62 1.94
C LEU A 343 -1.59 6.97 2.77
N LEU A 344 -1.17 6.21 3.77
CA LEU A 344 -2.07 5.54 4.70
C LEU A 344 -1.64 6.09 6.05
N PRO A 345 -2.12 7.28 6.36
CA PRO A 345 -1.73 7.98 7.59
C PRO A 345 -2.03 7.25 8.88
N THR A 346 -2.96 6.30 8.87
CA THR A 346 -3.30 5.51 10.05
C THR A 346 -3.19 4.02 9.80
N SER A 347 -2.34 3.68 8.84
CA SER A 347 -2.14 2.29 8.47
C SER A 347 -3.50 1.66 8.24
N LEU A 348 -3.67 0.45 8.73
CA LEU A 348 -4.91 -0.30 8.65
C LEU A 348 -5.13 -0.51 10.13
N PRO A 349 -6.37 -0.40 10.61
CA PRO A 349 -6.50 -0.55 12.05
C PRO A 349 -6.05 -1.91 12.53
N HIS A 350 -5.42 -1.89 13.70
CA HIS A 350 -5.00 -3.10 14.38
C HIS A 350 -5.98 -3.41 15.48
N ALA A 351 -5.76 -4.53 16.12
CA ALA A 351 -6.57 -4.99 17.26
C ALA A 351 -5.57 -5.74 18.15
N VAL A 352 -5.76 -5.73 19.48
CA VAL A 352 -4.94 -6.61 20.33
C VAL A 352 -5.54 -8.02 20.41
N THR A 353 -4.66 -9.00 20.58
CA THR A 353 -5.01 -10.42 20.48
C THR A 353 -5.29 -11.06 21.84
N CYS A 354 -4.79 -10.43 22.90
CA CYS A 354 -4.99 -10.89 24.27
C CYS A 354 -5.14 -9.67 25.20
N ASP A 355 -5.40 -9.89 26.49
CA ASP A 355 -5.44 -8.78 27.45
C ASP A 355 -4.01 -8.31 27.64
N ILE A 356 -3.78 -7.00 27.59
CA ILE A 356 -2.40 -6.50 27.55
C ILE A 356 -2.25 -5.25 28.37
N LYS A 357 -1.25 -5.29 29.25
CA LYS A 357 -0.80 -4.14 29.98
C LYS A 357 0.11 -3.36 29.03
N PHE A 358 -0.16 -2.09 28.86
CA PHE A 358 0.63 -1.31 27.96
C PHE A 358 0.82 -0.07 28.73
N ARG A 359 2.04 0.15 29.20
CA ARG A 359 2.40 1.33 29.96
C ARG A 359 1.55 1.34 31.23
N ASN A 360 0.79 2.43 31.41
CA ASN A 360 0.08 2.73 32.62
C ASN A 360 -1.22 1.91 32.64
N TYR A 361 -1.70 1.50 31.48
CA TYR A 361 -3.04 0.93 31.30
C TYR A 361 -3.26 -0.49 30.86
N LEU A 362 -4.49 -0.96 30.98
CA LEU A 362 -4.79 -2.35 30.55
C LEU A 362 -5.67 -2.18 29.33
N ILE A 363 -5.35 -2.92 28.27
CA ILE A 363 -6.14 -2.90 27.04
C ILE A 363 -6.72 -4.30 26.86
N PRO A 364 -8.05 -4.42 26.82
CA PRO A 364 -8.66 -5.76 26.75
C PRO A 364 -8.45 -6.39 25.41
N LYS A 365 -8.39 -7.71 25.37
CA LYS A 365 -8.29 -8.37 24.08
C LYS A 365 -9.44 -7.89 23.19
N GLY A 366 -9.16 -7.80 21.89
CA GLY A 366 -10.14 -7.42 20.88
C GLY A 366 -10.15 -5.95 20.55
N THR A 367 -9.62 -5.11 21.45
CA THR A 367 -9.74 -3.67 21.34
C THR A 367 -9.02 -3.18 20.08
N THR A 368 -9.75 -2.42 19.27
CA THR A 368 -9.20 -1.76 18.10
C THR A 368 -8.10 -0.75 18.46
N ILE A 369 -7.05 -0.74 17.62
CA ILE A 369 -5.86 0.09 17.80
C ILE A 369 -5.60 0.84 16.51
N LEU A 370 -5.43 2.15 16.63
CA LEU A 370 -5.20 3.03 15.50
C LEU A 370 -3.78 3.55 15.55
N ILE A 371 -2.93 3.05 14.67
CA ILE A 371 -1.53 3.47 14.66
C ILE A 371 -1.47 4.73 13.81
N SER A 372 -0.88 5.80 14.35
CA SER A 372 -0.60 6.98 13.52
C SER A 372 0.77 6.88 12.83
N LEU A 373 0.76 6.48 11.57
CA LEU A 373 1.95 6.53 10.76
C LEU A 373 2.44 7.99 10.53
N THR A 374 1.50 8.91 10.39
CA THR A 374 1.88 10.31 10.15
C THR A 374 2.82 10.84 11.22
N SER A 375 2.43 10.67 12.46
CA SER A 375 3.25 11.00 13.61
C SER A 375 4.71 10.59 13.50
N VAL A 376 4.95 9.42 12.91
CA VAL A 376 6.29 8.88 12.78
C VAL A 376 6.95 9.48 11.55
N LEU A 377 6.34 9.29 10.39
CA LEU A 377 6.83 9.84 9.12
C LEU A 377 7.04 11.34 9.14
N HIS A 378 6.23 12.08 9.91
CA HIS A 378 6.35 13.55 10.02
C HIS A 378 6.90 14.03 11.37
N ASP A 379 7.63 13.15 12.07
CA ASP A 379 8.33 13.50 13.28
C ASP A 379 9.37 14.53 12.94
N ASN A 380 9.33 15.70 13.60
CA ASN A 380 10.26 16.81 13.32
C ASN A 380 11.62 16.73 13.92
N LYS A 381 11.77 16.13 15.06
CA LYS A 381 13.14 15.90 15.49
C LYS A 381 13.82 15.08 14.39
N GLU A 382 13.18 14.01 13.90
CA GLU A 382 13.87 13.11 12.96
C GLU A 382 13.94 13.76 11.59
N PHE A 383 12.86 14.45 11.22
CA PHE A 383 12.73 15.03 9.89
C PHE A 383 12.38 16.53 9.98
N PRO A 384 13.38 17.39 10.27
CA PRO A 384 13.14 18.83 10.47
C PRO A 384 12.49 19.41 9.28
N ASN A 385 11.51 20.28 9.49
CA ASN A 385 10.55 20.67 8.42
C ASN A 385 9.96 19.47 7.75
N PRO A 386 9.13 18.73 8.51
CA PRO A 386 8.62 17.49 7.98
C PRO A 386 7.54 17.70 6.96
N GLU A 387 7.07 18.92 6.74
CA GLU A 387 6.00 19.17 5.79
C GLU A 387 6.52 19.54 4.42
N MET A 388 7.83 19.72 4.28
CA MET A 388 8.40 20.10 3.00
C MET A 388 9.29 19.06 2.32
N PHE A 389 8.84 18.57 1.17
CA PHE A 389 9.61 17.60 0.39
C PHE A 389 11.07 18.01 0.31
N ASP A 390 11.94 17.15 0.82
CA ASP A 390 13.38 17.38 0.77
C ASP A 390 14.15 16.05 0.88
N PRO A 391 14.71 15.57 -0.24
CA PRO A 391 15.49 14.32 -0.19
C PRO A 391 16.57 14.30 0.88
N HIS A 392 17.07 15.47 1.21
CA HIS A 392 18.07 15.65 2.25
C HIS A 392 17.71 14.94 3.58
N HIS A 393 16.40 14.82 3.89
CA HIS A 393 15.91 14.02 5.03
C HIS A 393 16.49 12.61 5.09
N PHE A 394 16.83 12.04 3.92
CA PHE A 394 17.45 10.73 3.79
C PHE A 394 18.90 10.74 3.26
N LEU A 395 19.66 11.77 3.66
CA LEU A 395 21.06 11.96 3.24
C LEU A 395 21.95 12.53 4.35
N ASP A 396 23.13 11.93 4.58
CA ASP A 396 24.17 12.53 5.47
C ASP A 396 25.00 13.61 4.73
N GLU A 397 25.83 14.36 5.46
CA GLU A 397 26.55 15.51 4.87
C GLU A 397 27.54 15.15 3.74
N GLY A 398 27.94 13.88 3.65
CA GLY A 398 28.66 13.33 2.50
C GLY A 398 27.83 12.94 1.27
N GLY A 399 26.50 13.01 1.34
CA GLY A 399 25.63 12.62 0.23
C GLY A 399 25.31 11.14 0.12
N ASN A 400 25.54 10.41 1.21
CA ASN A 400 25.23 8.98 1.26
C ASN A 400 23.82 8.84 1.80
N PHE A 401 23.18 7.70 1.58
CA PHE A 401 21.85 7.45 2.06
C PHE A 401 21.82 7.28 3.55
N LYS A 402 20.85 7.89 4.21
CA LYS A 402 20.71 7.81 5.63
C LYS A 402 19.46 7.13 6.11
N LYS A 403 19.56 5.88 6.49
CA LYS A 403 18.45 5.12 7.00
C LYS A 403 17.75 5.78 8.13
N SER A 404 16.48 5.49 8.25
CA SER A 404 15.64 6.03 9.35
C SER A 404 14.72 5.00 9.97
N LYS A 405 14.77 4.90 11.28
CA LYS A 405 13.88 4.04 12.07
C LYS A 405 12.41 4.51 11.94
N TYR A 406 12.26 5.79 11.61
CA TYR A 406 11.00 6.46 11.43
C TYR A 406 10.44 6.30 9.99
N PHE A 407 11.07 5.52 9.13
CA PHE A 407 10.55 5.30 7.81
C PHE A 407 9.59 4.12 7.95
N MET A 408 8.33 4.45 8.22
CA MET A 408 7.29 3.43 8.29
C MET A 408 6.10 3.63 7.36
N PRO A 409 6.32 3.96 6.07
CA PRO A 409 5.12 4.05 5.21
C PRO A 409 4.44 2.71 5.02
N PHE A 410 5.15 1.61 5.24
CA PHE A 410 4.59 0.26 5.14
C PHE A 410 4.15 -0.27 6.49
N SER A 411 4.17 0.56 7.52
CA SER A 411 3.86 0.15 8.91
C SER A 411 5.03 -0.63 9.49
N ALA A 412 4.77 -1.42 10.52
CA ALA A 412 5.85 -2.00 11.27
C ALA A 412 5.34 -3.20 11.98
N GLY A 413 6.27 -4.06 12.34
CA GLY A 413 5.95 -5.22 13.13
C GLY A 413 5.40 -6.37 12.31
N LYS A 414 4.60 -7.20 12.97
CA LYS A 414 4.11 -8.44 12.43
C LYS A 414 3.13 -8.26 11.28
N ARG A 415 2.49 -7.11 11.23
CA ARG A 415 1.54 -6.80 10.13
C ARG A 415 2.13 -5.94 9.03
N ILE A 416 3.44 -5.75 9.02
CA ILE A 416 4.09 -4.88 8.03
C ILE A 416 3.76 -5.32 6.60
N CYS A 417 3.67 -4.37 5.67
CA CYS A 417 3.25 -4.66 4.30
C CYS A 417 3.90 -5.94 3.77
N VAL A 418 3.10 -6.91 3.35
CA VAL A 418 3.62 -8.05 2.63
C VAL A 418 4.37 -7.66 1.35
N GLY A 419 3.93 -6.56 0.74
CA GLY A 419 4.55 -6.05 -0.47
C GLY A 419 5.72 -5.09 -0.30
N GLU A 420 6.37 -5.05 0.86
CA GLU A 420 7.36 -3.98 1.10
C GLU A 420 8.43 -3.98 0.03
N ALA A 421 9.08 -5.12 -0.08
CA ALA A 421 10.12 -5.31 -1.07
C ALA A 421 9.61 -5.17 -2.53
N LEU A 422 8.45 -5.73 -2.84
CA LEU A 422 7.96 -5.62 -4.19
C LEU A 422 7.63 -4.17 -4.58
N ALA A 423 7.09 -3.42 -3.63
CA ALA A 423 6.80 -2.03 -3.87
C ALA A 423 8.09 -1.25 -4.11
N GLY A 424 9.08 -1.45 -3.27
CA GLY A 424 10.31 -0.72 -3.41
C GLY A 424 10.98 -1.03 -4.70
N MET A 425 10.72 -2.22 -5.21
CA MET A 425 11.30 -2.66 -6.48
C MET A 425 10.55 -2.01 -7.64
N GLU A 426 9.26 -1.79 -7.44
CA GLU A 426 8.42 -1.17 -8.47
C GLU A 426 8.64 0.34 -8.47
N LEU A 427 8.96 0.89 -7.30
CA LEU A 427 9.19 2.30 -7.18
C LEU A 427 10.53 2.68 -7.71
N PHE A 428 11.54 1.93 -7.36
CA PHE A 428 12.88 2.19 -7.83
C PHE A 428 13.03 1.90 -9.33
N LEU A 429 12.56 0.75 -9.79
CA LEU A 429 12.70 0.44 -11.20
C LEU A 429 11.86 1.32 -12.12
N PHE A 430 10.60 1.61 -11.76
CA PHE A 430 9.76 2.40 -12.65
C PHE A 430 10.23 3.83 -12.79
N LEU A 431 10.60 4.47 -11.68
CA LEU A 431 11.09 5.84 -11.73
C LEU A 431 12.38 6.00 -12.46
N THR A 432 13.37 5.15 -12.15
CA THR A 432 14.66 5.16 -12.90
C THR A 432 14.40 4.90 -14.37
N SER A 433 13.58 3.92 -14.71
CA SER A 433 13.24 3.71 -16.10
C SER A 433 12.59 4.92 -16.76
N ILE A 434 11.67 5.59 -16.09
CA ILE A 434 11.06 6.80 -16.70
C ILE A 434 12.11 7.90 -16.86
N LEU A 435 12.77 8.25 -15.77
CA LEU A 435 13.77 9.31 -15.86
C LEU A 435 14.98 8.99 -16.72
N GLN A 436 15.17 7.73 -17.04
CA GLN A 436 16.21 7.30 -17.96
C GLN A 436 15.87 7.69 -19.38
N ASN A 437 14.61 7.57 -19.75
CA ASN A 437 14.25 7.90 -21.10
C ASN A 437 13.41 9.11 -21.31
N PHE A 438 13.03 9.82 -20.26
CA PHE A 438 12.20 10.98 -20.44
C PHE A 438 12.53 12.13 -19.56
N ASN A 439 12.18 13.33 -19.99
CA ASN A 439 12.37 14.51 -19.20
C ASN A 439 10.94 14.82 -18.92
N LEU A 440 10.64 15.67 -17.97
CA LEU A 440 9.23 15.91 -17.61
C LEU A 440 8.96 17.37 -17.76
N LYS A 441 7.92 17.69 -18.53
CA LYS A 441 7.45 19.06 -18.67
C LYS A 441 6.06 19.22 -18.07
N SER A 442 5.90 20.21 -17.20
CA SER A 442 4.57 20.64 -16.75
C SER A 442 3.82 21.48 -17.79
N LEU A 443 2.51 21.28 -17.89
CA LEU A 443 1.64 22.16 -18.68
C LEU A 443 1.65 23.57 -18.11
N VAL A 444 1.32 23.67 -16.82
CA VAL A 444 1.31 24.95 -16.13
C VAL A 444 2.67 25.14 -15.48
N ASP A 445 2.98 26.36 -15.07
CA ASP A 445 4.27 26.67 -14.44
C ASP A 445 4.40 26.03 -13.06
N PRO A 446 5.54 25.36 -12.83
CA PRO A 446 5.79 24.71 -11.56
C PRO A 446 5.40 25.62 -10.42
N LYS A 447 5.75 26.88 -10.49
CA LYS A 447 5.46 27.80 -9.42
C LYS A 447 4.08 27.69 -8.82
N ASN A 448 3.08 27.43 -9.63
CA ASN A 448 1.73 27.31 -9.11
C ASN A 448 1.23 25.90 -9.31
N LEU A 449 1.88 24.94 -8.68
CA LEU A 449 1.50 23.56 -8.84
C LEU A 449 0.88 23.03 -7.58
N ASP A 450 1.50 23.27 -6.45
CA ASP A 450 0.98 22.78 -5.19
C ASP A 450 0.85 21.28 -5.12
N THR A 451 1.71 20.67 -4.32
CA THR A 451 1.70 19.22 -4.15
C THR A 451 1.22 18.79 -2.77
N THR A 452 0.48 19.66 -2.08
CA THR A 452 -0.02 19.31 -0.77
C THR A 452 -1.01 18.21 -0.83
N PRO A 453 -0.88 17.21 0.05
CA PRO A 453 -1.81 16.11 -0.02
C PRO A 453 -3.25 16.57 0.16
N VAL A 454 -4.13 15.98 -0.66
CA VAL A 454 -5.59 16.16 -0.58
C VAL A 454 -6.01 14.96 0.24
N VAL A 455 -6.63 15.21 1.37
CA VAL A 455 -6.89 14.18 2.39
C VAL A 455 -8.42 14.06 2.64
N ASN A 456 -8.94 12.83 2.60
CA ASN A 456 -10.39 12.57 2.71
C ASN A 456 -10.67 11.25 3.48
N GLY A 457 -10.94 11.36 4.79
CA GLY A 457 -10.95 10.19 5.68
C GLY A 457 -9.55 9.65 5.96
N PHE A 458 -9.36 8.33 5.82
CA PHE A 458 -8.07 7.68 6.04
C PHE A 458 -7.26 7.58 4.73
N ALA A 459 -7.36 8.59 3.87
CA ALA A 459 -6.70 8.52 2.56
C ALA A 459 -6.16 9.86 2.11
N SER A 460 -4.85 9.84 1.85
CA SER A 460 -4.14 10.92 1.20
C SER A 460 -4.13 10.62 -0.32
N VAL A 461 -4.16 11.68 -1.12
CA VAL A 461 -4.16 11.59 -2.59
C VAL A 461 -3.53 12.88 -3.20
N PRO A 462 -2.92 12.73 -4.35
CA PRO A 462 -2.30 13.85 -5.01
C PRO A 462 -3.36 14.55 -5.76
N PRO A 463 -3.16 15.85 -6.00
CA PRO A 463 -4.12 16.65 -6.75
C PRO A 463 -3.91 16.42 -8.24
N PHE A 464 -4.99 16.50 -9.02
CA PHE A 464 -4.93 16.30 -10.48
C PHE A 464 -3.81 17.13 -11.09
N TYR A 465 -3.13 16.59 -12.09
CA TYR A 465 -2.12 17.34 -12.86
C TYR A 465 -1.89 16.63 -14.19
N GLN A 466 -1.38 17.39 -15.14
CA GLN A 466 -0.94 16.80 -16.38
C GLN A 466 0.49 17.13 -16.64
N LEU A 467 1.09 16.35 -17.52
CA LEU A 467 2.49 16.51 -17.86
C LEU A 467 2.81 15.87 -19.17
N CYS A 468 3.99 16.19 -19.68
CA CYS A 468 4.47 15.70 -20.96
C CYS A 468 5.70 14.90 -20.73
N PHE A 469 5.72 13.72 -21.34
CA PHE A 469 6.88 12.87 -21.28
C PHE A 469 7.74 13.10 -22.52
N ILE A 470 8.79 13.89 -22.34
CA ILE A 470 9.63 14.35 -23.43
C ILE A 470 10.84 13.44 -23.55
N PRO A 471 11.06 12.79 -24.66
CA PRO A 471 12.20 11.89 -24.75
C PRO A 471 13.55 12.55 -24.76
N ILE A 472 14.52 11.84 -24.23
CA ILE A 472 15.88 12.28 -24.19
C ILE A 472 16.62 11.47 -25.20
N HIS A 473 17.83 11.88 -25.52
CA HIS A 473 18.66 11.14 -26.46
C HIS A 473 17.81 10.18 -27.25
CL LSN B . -14.89 -5.10 -1.77
C17 LSN B . -13.33 -5.45 -2.54
C15 LSN B . -12.19 -6.11 -1.73
C16 LSN B . -12.37 -6.29 -0.25
O LSN B . -11.33 -7.08 0.29
N6 LSN B . -12.74 -4.92 -3.73
C18 LSN B . -11.31 -5.10 -3.74
C19 LSN B . -10.39 -5.13 -4.96
C20 LSN B . -11.20 -5.00 -6.23
C21 LSN B . -11.74 -6.33 -6.70
C22 LSN B . -12.32 -6.14 -8.09
N5 LSN B . -11.04 -5.83 -2.53
C12 LSN B . -9.73 -6.29 -2.22
C11 LSN B . -9.15 -5.23 -1.33
C10 LSN B . -9.01 -3.77 -1.68
C9 LSN B . -8.12 -2.93 -0.78
C13 LSN B . -8.18 -5.87 -0.45
C14 LSN B . -7.39 -4.96 0.40
C8 LSN B . -7.44 -3.44 0.48
C7 LSN B . -6.44 -2.56 1.18
C6 LSN B . -5.00 -3.09 1.17
C5 LSN B . -3.88 -2.21 1.71
C4 LSN B . -4.15 -0.73 2.04
C3 LSN B . -5.56 -0.13 1.88
C2 LSN B . -6.48 -1.10 1.17
C1 LSN B . -7.85 -0.46 1.25
N1 LSN B . -8.93 -0.90 2.11
N4 LSN B . -8.55 0.24 0.20
N3 LSN B . -9.77 0.37 0.60
N2 LSN B . -10.02 -0.31 1.70
CL LSN C . -23.66 -2.79 -10.91
C17 LSN C . -24.65 -2.16 -9.57
C15 LSN C . -25.30 -0.75 -9.59
C16 LSN C . -24.65 0.55 -10.15
O LSN C . -25.02 1.88 -9.76
N6 LSN C . -25.26 -3.12 -8.65
C18 LSN C . -26.11 -2.33 -7.80
C19 LSN C . -27.14 -2.96 -6.81
C20 LSN C . -28.65 -2.67 -6.87
C21 LSN C . -29.53 -3.58 -5.98
C22 LSN C . -29.14 -3.72 -4.50
N5 LSN C . -26.06 -0.94 -8.34
C12 LSN C . -26.84 0.03 -7.71
C11 LSN C . -26.28 1.01 -6.82
C10 LSN C . -24.87 1.18 -6.37
C9 LSN C . -24.63 2.35 -5.43
C13 LSN C . -27.34 1.93 -6.42
C14 LSN C . -27.07 3.01 -5.50
C8 LSN C . -25.69 3.34 -4.99
C7 LSN C . -25.41 4.56 -4.26
C6 LSN C . -24.69 5.65 -5.00
C5 LSN C . -24.45 6.94 -4.22
C4 LSN C . -25.03 7.19 -2.81
C3 LSN C . -25.83 6.07 -2.12
C2 LSN C . -25.98 4.91 -3.03
C1 LSN C . -26.78 3.84 -2.31
N1 LSN C . -26.09 2.65 -1.91
N4 LSN C . -28.14 3.53 -2.08
N3 LSN C . -28.14 2.36 -1.49
N2 LSN C . -26.96 1.84 -1.41
K K D . -30.56 0.18 -3.97
CHA HEM E . -0.79 -3.96 4.18
CHB HEM E . 1.49 0.08 2.76
CHC HEM E . 2.20 -1.87 -1.63
CHD HEM E . 0.46 -6.03 0.04
C1A HEM E . -0.26 -2.69 4.14
C2A HEM E . -0.37 -1.75 5.18
C3A HEM E . 0.26 -0.61 4.82
C4A HEM E . 0.79 -0.86 3.52
CMA HEM E . 0.43 0.63 5.67
CAA HEM E . -1.06 -1.96 6.50
CBA HEM E . -0.07 -2.67 7.40
CGA HEM E . -0.65 -2.81 8.77
O1A HEM E . 0.03 -2.36 9.72
O2A HEM E . -1.77 -3.38 8.96
C1B HEM E . 1.87 -0.07 1.41
C2B HEM E . 2.48 0.95 0.60
C3B HEM E . 2.66 0.41 -0.63
C4B HEM E . 2.15 -0.98 -0.56
CMB HEM E . 2.82 2.35 1.07
CAB HEM E . 3.26 0.94 -1.87
CBB HEM E . 3.81 2.12 -1.99
C1C HEM E . 1.82 -3.17 -1.55
C2C HEM E . 2.02 -4.09 -2.59
C3C HEM E . 1.50 -5.31 -2.14
C4C HEM E . 1.02 -5.10 -0.78
CMC HEM E . 2.68 -3.85 -3.94
CAC HEM E . 1.64 -6.54 -2.94
CBC HEM E . 1.67 -7.79 -2.48
C1D HEM E . -0.02 -5.76 1.30
C2D HEM E . -0.73 -6.77 2.07
C3D HEM E . -1.09 -6.18 3.20
C4D HEM E . -0.59 -4.82 3.14
CMD HEM E . -1.03 -8.19 1.70
CAD HEM E . -1.84 -6.85 4.32
CBD HEM E . -0.80 -7.33 5.33
CGD HEM E . -1.36 -7.99 6.54
O1D HEM E . -2.33 -7.49 7.13
O2D HEM E . -0.84 -9.00 6.98
NA HEM E . 0.47 -2.11 3.12
NB HEM E . 1.73 -1.18 0.69
NC HEM E . 1.25 -3.80 -0.49
ND HEM E . 0.09 -4.61 2.00
FE HEM E . 0.89 -2.96 1.38
P PO4 F . 1.39 -22.53 -15.95
O1 PO4 F . 1.65 -22.13 -17.38
O2 PO4 F . 2.00 -23.92 -15.67
O3 PO4 F . -0.12 -22.55 -15.76
O4 PO4 F . 2.04 -21.47 -15.09
#